data_5NCL
#
_entry.id   5NCL
#
_cell.length_a   138.430
_cell.length_b   79.990
_cell.length_c   117.590
_cell.angle_alpha   90.00
_cell.angle_beta   117.60
_cell.angle_gamma   90.00
#
_symmetry.space_group_name_H-M   'C 1 2 1'
#
loop_
_entity.id
_entity.type
_entity.pdbx_description
1 polymer 'Serine/threonine-protein kinase CBK1'
2 polymer 'CBK1 kinase activator protein MOB2'
3 polymer 'Protein SSD1'
4 non-polymer 'PHOSPHOAMINOPHOSPHONIC ACID-ADENYLATE ESTER'
#
loop_
_entity_poly.entity_id
_entity_poly.type
_entity_poly.pdbx_seq_one_letter_code
_entity_poly.pdbx_strand_id
1 'polypeptide(L)'
;GSSPVQSGFNNGTISNYMYFERRPDLLTKGTQDKAAAVKLKIENFYQSSVKYAIERNERRVELETELTSHNWSEERKSRQ
LSSLGKKESQFLRLRRTRLSLEDFHTVKVIGKGAFGEVRLVQKKDTGKIYAMKTLLKSEMYKKDQLAHVKAERDVLAGSD
SPWVVSLYYSFQDAQYLYLIMEFLPGGDLMTMLIRWQLFTEDVTRFYMAECILAIETIHKLGFIHRAIKPDNILIDIRGH
IKLSDFGLSTGFHKTHDSNYYKKLLQQDEATNGISKPGTYNANTTDTANKRQTMVVDSISLTMSNRQQIQTWRKSRRLMA
YSTVGTPDYIAPEIFLYQGYGQECDWWSLGAIMYECLIGWPPFCSETPQETYRKIMNFEQTLQFPDDIHISYEAEDLIRR
LLTHADQRLGRHGGADEIKSHPFFRGVDWNTIRQVEAPYIPKLSSITDTRFFPTDELENVPDSPAMAQAAKQREQMTKQG
GSAPVKEDLPFIGYTYSRFDYLTRKNAL
;
A
2 'polypeptide(L)'
;GSRNKHHSPKRHSQTSFPAQKSTPQSQQLTSTTPQSQQQEASERSESQQIMFLSEPFVRTALVKGSFKTIVQLPKYVDLG
EWIALNVFEFFTNLNQFYGVVAEYVTPDAYPTMNAGPHTDYLWLDANNRQVSLPASQYIDLALTWINNKVNDKNLFPTKN
GLPFPQQFSRDVQRIMVQMFRIFAHIYHHHFDKIVHLSLEAHWNSFFSHFISFAKEFKIIDRKEMAPLLPLIESFEKQGK
IIYN
;
B
3 'polypeptide(L)' TTEQSDFKFP D
#
loop_
_chem_comp.id
_chem_comp.type
_chem_comp.name
_chem_comp.formula
ANP non-polymer 'PHOSPHOAMINOPHOSPHONIC ACID-ADENYLATE ESTER' 'C10 H17 N6 O12 P3'
#
# COMPACT_ATOMS: atom_id res chain seq x y z
N MET A 18 8.23 46.07 15.79
CA MET A 18 8.11 46.13 14.35
C MET A 18 6.68 45.80 13.91
N TYR A 19 5.74 46.68 14.26
CA TYR A 19 4.31 46.44 13.99
C TYR A 19 4.01 46.71 12.51
N PHE A 20 4.38 45.72 11.69
CA PHE A 20 4.38 45.78 10.22
C PHE A 20 3.24 44.94 9.60
N GLU A 21 3.28 44.74 8.28
CA GLU A 21 2.30 43.95 7.49
C GLU A 21 3.02 43.25 6.32
N ARG A 22 2.26 42.69 5.37
CA ARG A 22 2.81 41.90 4.25
C ARG A 22 1.75 41.62 3.17
N ARG A 23 2.17 41.03 2.04
CA ARG A 23 1.30 40.90 0.86
C ARG A 23 1.93 39.90 -0.16
N PRO A 24 1.09 39.39 -1.12
CA PRO A 24 1.56 38.57 -2.25
C PRO A 24 2.31 39.39 -3.29
N ASP A 25 2.22 38.96 -4.57
CA ASP A 25 2.81 39.72 -5.66
C ASP A 25 4.32 39.56 -5.85
N LEU A 26 4.68 38.59 -6.70
CA LEU A 26 6.03 38.24 -7.18
C LEU A 26 6.75 37.19 -6.34
N LEU A 27 6.01 36.18 -5.89
CA LEU A 27 6.56 34.90 -5.46
C LEU A 27 6.09 33.86 -6.46
N THR A 28 7.01 33.35 -7.29
CA THR A 28 6.65 32.87 -8.62
C THR A 28 5.98 31.50 -8.68
N LYS A 29 4.93 31.29 -7.86
CA LYS A 29 4.00 30.16 -8.02
C LYS A 29 4.67 28.80 -7.95
N GLY A 30 5.98 28.79 -7.72
CA GLY A 30 6.73 27.59 -7.41
C GLY A 30 7.21 27.73 -5.98
N THR A 31 7.12 28.97 -5.48
CA THR A 31 7.30 29.31 -4.08
C THR A 31 6.07 30.02 -3.52
N GLN A 32 4.97 30.05 -4.27
CA GLN A 32 3.67 30.37 -3.69
C GLN A 32 3.03 29.12 -3.09
N ASP A 33 2.67 28.17 -3.95
CA ASP A 33 1.96 26.99 -3.53
C ASP A 33 2.87 26.01 -2.80
N LYS A 34 4.19 26.26 -2.83
CA LYS A 34 5.15 25.53 -1.99
C LYS A 34 5.08 25.97 -0.54
N ALA A 35 4.26 26.97 -0.22
CA ALA A 35 3.92 27.28 1.15
C ALA A 35 2.60 26.63 1.57
N ALA A 36 1.64 26.56 0.66
CA ALA A 36 0.45 25.76 0.93
C ALA A 36 0.80 24.31 1.21
N ALA A 37 1.91 23.83 0.67
CA ALA A 37 2.34 22.45 0.92
C ALA A 37 2.95 22.31 2.30
N VAL A 38 3.77 23.27 2.70
CA VAL A 38 4.48 23.22 3.99
C VAL A 38 3.48 23.33 5.15
N LYS A 39 2.54 24.27 5.06
CA LYS A 39 1.51 24.38 6.08
C LYS A 39 0.77 23.05 6.26
N LEU A 40 0.42 22.41 5.15
CA LEU A 40 -0.16 21.08 5.24
C LEU A 40 0.81 20.12 5.89
N LYS A 41 2.08 20.18 5.51
CA LYS A 41 3.04 19.22 6.01
C LYS A 41 3.22 19.37 7.52
N ILE A 42 3.34 20.60 8.01
CA ILE A 42 3.67 20.80 9.41
C ILE A 42 2.50 20.45 10.31
N GLU A 43 1.27 20.80 9.91
CA GLU A 43 0.12 20.47 10.74
C GLU A 43 -0.02 18.96 10.88
N ASN A 44 -0.17 18.24 9.77
CA ASN A 44 -0.24 16.79 9.83
C ASN A 44 0.94 16.21 10.59
N PHE A 45 2.10 16.83 10.49
CA PHE A 45 3.27 16.35 11.21
C PHE A 45 3.01 16.39 12.69
N TYR A 46 2.92 17.59 13.26
CA TYR A 46 2.87 17.70 14.71
C TYR A 46 1.60 17.11 15.28
N GLN A 47 0.50 17.15 14.52
CA GLN A 47 -0.69 16.44 14.96
C GLN A 47 -0.34 15.00 15.26
N SER A 48 0.45 14.39 14.39
CA SER A 48 0.78 12.97 14.48
C SER A 48 1.96 12.70 15.43
N SER A 49 3.01 13.51 15.39
CA SER A 49 4.06 13.37 16.38
C SER A 49 3.46 13.28 17.76
N VAL A 50 2.36 13.97 18.00
CA VAL A 50 1.70 13.87 19.30
C VAL A 50 0.99 12.53 19.44
N LYS A 51 0.20 12.14 18.44
CA LYS A 51 -0.51 10.87 18.52
C LYS A 51 0.45 9.74 18.85
N TYR A 52 1.48 9.58 18.02
CA TYR A 52 2.55 8.61 18.19
C TYR A 52 3.03 8.52 19.62
N ALA A 53 3.63 9.60 20.10
CA ALA A 53 4.08 9.63 21.48
C ALA A 53 2.95 9.27 22.42
N ILE A 54 1.74 9.70 22.11
CA ILE A 54 0.64 9.52 23.06
C ILE A 54 0.27 8.04 23.15
N GLU A 55 0.45 7.27 22.09
CA GLU A 55 0.21 5.84 22.22
C GLU A 55 1.46 5.08 22.64
N ARG A 56 2.63 5.46 22.10
CA ARG A 56 3.88 4.98 22.68
C ARG A 56 3.74 4.91 24.18
N ASN A 57 3.39 6.04 24.79
CA ASN A 57 3.10 6.05 26.21
C ASN A 57 2.00 5.07 26.56
N GLU A 58 0.91 5.08 25.78
CA GLU A 58 -0.28 4.35 26.21
C GLU A 58 0.01 2.87 26.37
N ARG A 59 0.60 2.24 25.36
CA ARG A 59 0.80 0.81 25.49
C ARG A 59 1.91 0.47 26.47
N ARG A 60 2.92 1.31 26.62
CA ARG A 60 3.90 1.06 27.68
C ARG A 60 3.21 0.87 29.01
N VAL A 61 2.43 1.86 29.42
CA VAL A 61 1.73 1.76 30.70
C VAL A 61 0.64 0.69 30.67
N GLU A 62 0.29 0.16 29.50
CA GLU A 62 -0.61 -0.98 29.45
C GLU A 62 0.08 -2.27 29.90
N LEU A 63 1.32 -2.47 29.47
CA LEU A 63 2.08 -3.63 29.90
C LEU A 63 2.50 -3.50 31.36
N GLU A 64 2.81 -2.28 31.80
CA GLU A 64 3.25 -2.09 33.17
C GLU A 64 2.11 -2.16 34.17
N THR A 65 0.87 -2.08 33.72
CA THR A 65 -0.24 -2.37 34.59
C THR A 65 -0.54 -3.85 34.65
N GLU A 66 0.00 -4.62 33.71
CA GLU A 66 -0.18 -6.05 33.69
C GLU A 66 1.02 -6.80 34.26
N LEU A 67 2.20 -6.16 34.32
CA LEU A 67 3.33 -6.82 34.96
C LEU A 67 3.19 -6.79 36.48
N THR A 68 2.58 -5.74 37.03
CA THR A 68 2.21 -5.80 38.44
C THR A 68 0.74 -6.11 38.59
N SER A 69 0.19 -6.94 37.71
CA SER A 69 -1.08 -7.59 37.96
C SER A 69 -0.95 -9.11 38.05
N HIS A 70 0.27 -9.63 38.23
CA HIS A 70 0.48 -11.07 38.24
C HIS A 70 1.52 -11.54 39.25
N ASN A 71 2.07 -10.66 40.08
CA ASN A 71 3.09 -11.03 41.07
C ASN A 71 4.23 -11.79 40.40
N TRP A 72 4.98 -11.05 39.60
CA TRP A 72 6.09 -11.65 38.89
C TRP A 72 7.43 -11.15 39.44
N SER A 73 8.48 -11.90 39.11
CA SER A 73 9.82 -11.61 39.57
C SER A 73 10.38 -10.38 38.85
N GLU A 74 11.31 -9.70 39.51
CA GLU A 74 11.92 -8.54 38.88
C GLU A 74 12.81 -8.93 37.72
N GLU A 75 13.35 -10.14 37.71
CA GLU A 75 13.95 -10.62 36.47
C GLU A 75 12.92 -10.62 35.35
N ARG A 76 11.68 -11.00 35.68
CA ARG A 76 10.65 -11.24 34.67
C ARG A 76 10.11 -9.94 34.10
N LYS A 77 9.84 -8.96 34.95
CA LYS A 77 9.26 -7.71 34.47
C LYS A 77 10.21 -6.96 33.55
N SER A 78 11.48 -6.88 33.94
CA SER A 78 12.48 -6.17 33.14
C SER A 78 13.00 -6.99 31.96
N ARG A 79 12.46 -8.18 31.74
CA ARG A 79 12.54 -8.85 30.44
C ARG A 79 11.31 -8.56 29.59
N GLN A 80 10.12 -8.63 30.19
CA GLN A 80 8.91 -8.21 29.47
C GLN A 80 9.01 -6.75 29.07
N LEU A 81 9.44 -5.90 30.01
CA LEU A 81 9.56 -4.48 29.72
C LEU A 81 10.63 -4.21 28.67
N SER A 82 11.73 -4.95 28.69
CA SER A 82 12.67 -4.78 27.59
C SER A 82 12.12 -5.40 26.31
N SER A 83 11.35 -6.49 26.39
CA SER A 83 10.72 -7.03 25.19
C SER A 83 9.80 -6.00 24.56
N LEU A 84 9.12 -5.20 25.39
CA LEU A 84 8.26 -4.14 24.87
C LEU A 84 9.07 -3.14 24.06
N GLY A 85 9.95 -2.40 24.72
CA GLY A 85 10.76 -1.45 23.99
C GLY A 85 11.59 -2.10 22.90
N LYS A 86 11.93 -3.38 23.06
CA LYS A 86 12.52 -4.10 21.94
C LYS A 86 11.69 -3.84 20.69
N LYS A 87 10.40 -4.15 20.77
CA LYS A 87 9.45 -3.82 19.72
C LYS A 87 9.53 -2.35 19.35
N GLU A 88 9.15 -1.47 20.30
CA GLU A 88 9.06 -0.03 20.06
C GLU A 88 10.22 0.49 19.23
N SER A 89 11.44 0.03 19.52
CA SER A 89 12.58 0.51 18.78
C SER A 89 12.50 0.09 17.33
N GLN A 90 12.15 -1.18 17.09
CA GLN A 90 12.03 -1.68 15.73
C GLN A 90 11.08 -0.84 14.89
N PHE A 91 10.02 -0.31 15.52
CA PHE A 91 9.06 0.50 14.79
C PHE A 91 9.72 1.74 14.19
N LEU A 92 10.34 2.55 15.03
CA LEU A 92 10.99 3.74 14.48
C LEU A 92 12.07 3.35 13.50
N ARG A 93 12.67 2.18 13.68
CA ARG A 93 13.60 1.72 12.66
C ARG A 93 12.86 1.52 11.34
N LEU A 94 11.60 1.10 11.40
CA LEU A 94 10.84 0.86 10.18
C LEU A 94 10.61 2.15 9.40
N ARG A 95 9.89 3.11 9.99
CA ARG A 95 9.55 4.32 9.26
C ARG A 95 10.78 4.94 8.58
N ARG A 96 11.94 4.82 9.23
CA ARG A 96 13.20 5.27 8.67
C ARG A 96 13.54 4.49 7.40
N THR A 97 12.97 3.31 7.24
CA THR A 97 13.27 2.49 6.08
C THR A 97 12.64 3.08 4.83
N ARG A 98 13.43 3.13 3.78
CA ARG A 98 12.93 3.40 2.44
C ARG A 98 13.47 2.31 1.55
N LEU A 99 12.61 1.78 0.68
CA LEU A 99 13.02 0.74 -0.25
C LEU A 99 12.38 0.97 -1.61
N SER A 100 12.92 0.28 -2.61
CA SER A 100 12.41 0.26 -3.98
C SER A 100 12.75 -1.09 -4.61
N LEU A 101 12.74 -1.17 -5.93
CA LEU A 101 13.38 -2.32 -6.56
C LEU A 101 14.89 -2.30 -6.30
N GLU A 102 15.54 -3.40 -6.68
CA GLU A 102 16.93 -3.69 -6.35
C GLU A 102 17.02 -4.00 -4.87
N ASP A 103 15.93 -3.77 -4.15
CA ASP A 103 15.64 -4.42 -2.89
C ASP A 103 14.75 -5.63 -3.08
N PHE A 104 14.28 -5.82 -4.31
CA PHE A 104 13.64 -7.04 -4.74
C PHE A 104 14.38 -7.58 -5.94
N HIS A 105 14.42 -8.90 -6.03
CA HIS A 105 14.91 -9.60 -7.20
C HIS A 105 13.73 -10.26 -7.89
N THR A 106 13.66 -10.12 -9.21
CA THR A 106 12.55 -10.73 -9.90
C THR A 106 12.85 -12.19 -10.20
N VAL A 107 11.83 -13.04 -10.04
CA VAL A 107 12.01 -14.47 -10.26
C VAL A 107 11.50 -14.84 -11.64
N LYS A 108 10.18 -14.75 -11.85
CA LYS A 108 9.55 -14.99 -13.14
C LYS A 108 8.33 -14.08 -13.24
N VAL A 109 7.92 -13.85 -14.48
CA VAL A 109 6.66 -13.16 -14.71
C VAL A 109 5.52 -14.17 -14.66
N ILE A 110 4.40 -13.73 -14.14
CA ILE A 110 3.30 -14.61 -13.82
C ILE A 110 2.08 -14.31 -14.65
N GLY A 111 1.64 -13.07 -14.63
CA GLY A 111 0.48 -12.66 -15.38
C GLY A 111 0.69 -11.27 -15.92
N LYS A 112 -0.29 -10.84 -16.72
CA LYS A 112 -0.37 -9.48 -17.21
C LYS A 112 -1.85 -9.14 -17.29
N GLY A 113 -2.21 -8.00 -16.68
CA GLY A 113 -3.37 -7.24 -17.07
C GLY A 113 -2.97 -6.16 -18.06
N ALA A 114 -3.90 -5.23 -18.28
CA ALA A 114 -3.61 -4.13 -19.20
C ALA A 114 -2.73 -3.06 -18.55
N PHE A 115 -3.00 -2.79 -17.26
CA PHE A 115 -2.30 -1.75 -16.53
C PHE A 115 -0.87 -2.18 -16.19
N GLY A 116 -0.66 -3.46 -15.90
CA GLY A 116 0.67 -3.91 -15.56
C GLY A 116 0.65 -5.37 -15.18
N GLU A 117 1.84 -5.93 -15.06
CA GLU A 117 2.01 -7.36 -14.87
C GLU A 117 2.03 -7.74 -13.39
N VAL A 118 2.24 -9.02 -13.16
CA VAL A 118 2.32 -9.56 -11.82
C VAL A 118 3.54 -10.47 -11.73
N ARG A 119 4.25 -10.39 -10.61
CA ARG A 119 5.62 -10.89 -10.49
C ARG A 119 5.80 -11.73 -9.24
N LEU A 120 6.38 -12.91 -9.42
CA LEU A 120 6.88 -13.69 -8.31
C LEU A 120 8.23 -13.11 -7.91
N VAL A 121 8.35 -12.68 -6.67
CA VAL A 121 9.51 -11.90 -6.26
C VAL A 121 10.11 -12.44 -4.98
N GLN A 122 11.44 -12.45 -4.95
CA GLN A 122 12.25 -12.66 -3.76
C GLN A 122 12.88 -11.33 -3.37
N LYS A 123 12.86 -11.02 -2.08
CA LYS A 123 13.42 -9.78 -1.55
C LYS A 123 14.91 -9.96 -1.27
N LYS A 124 15.78 -9.40 -2.14
CA LYS A 124 17.23 -9.54 -1.98
C LYS A 124 17.61 -9.38 -0.53
N ASP A 125 17.09 -8.34 0.11
CA ASP A 125 17.35 -8.02 1.50
C ASP A 125 17.29 -9.26 2.39
N THR A 126 16.18 -10.02 2.37
CA THR A 126 16.10 -11.30 3.08
C THR A 126 15.97 -12.49 2.14
N GLY A 127 14.89 -12.54 1.37
CA GLY A 127 14.59 -13.62 0.46
C GLY A 127 13.37 -14.41 0.88
N LYS A 128 12.23 -14.04 0.34
CA LYS A 128 10.99 -14.68 0.69
C LYS A 128 10.32 -15.07 -0.60
N ILE A 129 9.05 -15.45 -0.57
CA ILE A 129 8.29 -15.51 -1.79
C ILE A 129 7.16 -14.53 -1.65
N TYR A 130 7.25 -13.44 -2.37
CA TYR A 130 6.15 -12.50 -2.42
C TYR A 130 5.55 -12.46 -3.82
N ALA A 131 4.39 -11.83 -3.91
CA ALA A 131 3.76 -11.51 -5.19
C ALA A 131 3.84 -10.03 -5.44
N MET A 132 4.43 -9.65 -6.56
CA MET A 132 4.51 -8.24 -6.95
C MET A 132 3.48 -7.91 -8.03
N LYS A 133 2.60 -6.98 -7.73
CA LYS A 133 1.63 -6.47 -8.70
C LYS A 133 2.08 -5.09 -9.17
N THR A 134 2.40 -4.96 -10.47
CA THR A 134 2.84 -3.71 -11.06
C THR A 134 1.67 -2.97 -11.69
N LEU A 135 1.52 -1.68 -11.38
CA LEU A 135 0.43 -0.85 -11.87
C LEU A 135 0.93 0.48 -12.43
N LEU A 136 -0.01 1.33 -12.84
CA LEU A 136 0.32 2.58 -13.55
C LEU A 136 -0.49 3.72 -12.96
N LYS A 137 0.18 4.65 -12.30
CA LYS A 137 -0.49 5.89 -11.98
C LYS A 137 -0.77 6.66 -13.27
N SER A 138 -1.75 7.57 -13.20
CA SER A 138 -2.19 8.42 -14.30
C SER A 138 -2.91 7.65 -15.38
N GLU A 139 -2.97 6.32 -15.28
CA GLU A 139 -3.76 5.51 -16.20
C GLU A 139 -4.91 4.79 -15.52
N MET A 140 -4.84 4.60 -14.21
CA MET A 140 -6.01 4.27 -13.40
C MET A 140 -6.50 5.59 -12.83
N TYR A 141 -7.57 6.13 -13.43
CA TYR A 141 -7.92 7.53 -13.24
C TYR A 141 -8.49 7.76 -11.85
N LYS A 142 -9.66 7.18 -11.58
CA LYS A 142 -10.39 7.34 -10.31
C LYS A 142 -10.20 8.73 -9.71
N LYS A 143 -10.17 9.77 -10.54
CA LYS A 143 -9.75 11.12 -10.14
C LYS A 143 -10.79 11.86 -9.30
N SER A 159 -10.20 -6.97 7.56
CA SER A 159 -8.90 -7.44 7.06
C SER A 159 -8.45 -8.76 7.73
N ASP A 160 -7.48 -9.43 7.10
CA ASP A 160 -6.86 -10.69 7.57
C ASP A 160 -7.89 -11.83 7.69
N SER A 161 -8.40 -12.27 6.52
CA SER A 161 -9.36 -13.36 6.36
C SER A 161 -8.82 -14.48 5.48
N PRO A 162 -9.10 -15.75 5.82
CA PRO A 162 -8.43 -16.88 5.12
C PRO A 162 -8.65 -16.87 3.65
N TRP A 163 -9.73 -16.22 3.20
CA TRP A 163 -10.36 -16.41 1.92
C TRP A 163 -9.86 -15.44 0.86
N VAL A 164 -9.03 -14.47 1.22
CA VAL A 164 -8.56 -13.45 0.28
C VAL A 164 -7.05 -13.30 0.41
N VAL A 165 -6.38 -13.04 -0.73
CA VAL A 165 -4.93 -12.86 -0.73
C VAL A 165 -4.52 -11.75 0.21
N SER A 166 -3.40 -11.96 0.91
CA SER A 166 -2.88 -11.01 1.90
C SER A 166 -2.01 -9.94 1.24
N LEU A 167 -2.44 -8.69 1.40
CA LEU A 167 -1.65 -7.54 1.01
C LEU A 167 -0.87 -7.07 2.23
N TYR A 168 0.43 -6.92 2.09
CA TYR A 168 1.23 -6.51 3.23
C TYR A 168 1.40 -5.00 3.24
N TYR A 169 2.06 -4.48 2.21
CA TYR A 169 2.42 -3.09 2.15
C TYR A 169 2.58 -2.71 0.69
N SER A 170 2.75 -1.41 0.44
CA SER A 170 2.88 -0.95 -0.93
C SER A 170 3.80 0.24 -0.98
N PHE A 171 4.45 0.44 -2.13
CA PHE A 171 5.35 1.56 -2.29
C PHE A 171 5.33 2.02 -3.73
N GLN A 172 5.54 3.33 -3.91
CA GLN A 172 5.38 4.03 -5.18
C GLN A 172 6.75 4.41 -5.78
N ASP A 173 6.71 4.97 -6.97
CA ASP A 173 7.87 5.64 -7.57
C ASP A 173 7.37 6.75 -8.50
N ALA A 174 8.22 7.13 -9.46
CA ALA A 174 7.84 8.12 -10.45
C ALA A 174 6.55 7.75 -11.17
N GLN A 175 6.54 6.60 -11.85
CA GLN A 175 5.54 6.25 -12.87
C GLN A 175 4.61 5.10 -12.48
N TYR A 176 5.08 4.04 -11.80
CA TYR A 176 4.24 2.87 -11.49
C TYR A 176 3.93 2.78 -9.98
N LEU A 177 3.14 1.75 -9.63
CA LEU A 177 2.73 1.50 -8.25
C LEU A 177 2.91 0.02 -7.92
N TYR A 178 3.42 -0.25 -6.72
CA TYR A 178 3.88 -1.61 -6.37
C TYR A 178 3.19 -2.11 -5.12
N LEU A 179 2.62 -3.33 -5.21
CA LEU A 179 1.95 -4.00 -4.10
C LEU A 179 2.59 -5.36 -3.80
N ILE A 180 2.65 -5.68 -2.50
CA ILE A 180 3.34 -6.87 -2.02
C ILE A 180 2.31 -7.80 -1.38
N MET A 181 2.15 -8.97 -2.00
CA MET A 181 1.13 -9.94 -1.62
C MET A 181 1.77 -11.31 -1.52
N GLU A 182 1.14 -12.18 -0.74
CA GLU A 182 1.63 -13.54 -0.72
C GLU A 182 1.44 -14.16 -2.08
N PHE A 183 2.28 -15.11 -2.41
CA PHE A 183 2.24 -15.72 -3.72
C PHE A 183 1.48 -17.04 -3.66
N LEU A 184 0.47 -17.19 -4.53
CA LEU A 184 -0.29 -18.44 -4.54
C LEU A 184 0.15 -19.31 -5.69
N PRO A 185 0.86 -20.41 -5.43
CA PRO A 185 1.42 -21.23 -6.52
C PRO A 185 0.42 -22.11 -7.24
N GLY A 186 -0.86 -22.05 -6.85
CA GLY A 186 -1.80 -22.95 -7.44
C GLY A 186 -2.25 -22.54 -8.82
N GLY A 187 -1.66 -21.49 -9.37
CA GLY A 187 -2.21 -20.88 -10.57
C GLY A 187 -3.57 -20.27 -10.23
N ASP A 188 -4.35 -20.06 -11.27
CA ASP A 188 -5.67 -19.46 -11.22
C ASP A 188 -6.70 -20.46 -11.71
N LEU A 189 -7.97 -20.15 -11.47
CA LEU A 189 -9.01 -21.07 -11.92
C LEU A 189 -9.10 -21.10 -13.44
N MET A 190 -8.96 -19.95 -14.11
CA MET A 190 -8.83 -19.99 -15.57
C MET A 190 -7.78 -21.00 -16.03
N THR A 191 -6.61 -21.03 -15.38
CA THR A 191 -5.56 -21.92 -15.87
C THR A 191 -5.86 -23.37 -15.52
N MET A 192 -6.61 -23.58 -14.44
CA MET A 192 -7.12 -24.89 -14.09
C MET A 192 -8.08 -25.38 -15.15
N LEU A 193 -9.14 -24.61 -15.38
CA LEU A 193 -10.17 -24.93 -16.37
C LEU A 193 -9.61 -25.26 -17.74
N ILE A 194 -8.46 -24.69 -18.10
CA ILE A 194 -7.84 -25.11 -19.34
C ILE A 194 -7.28 -26.51 -19.20
N ARG A 195 -6.53 -26.77 -18.11
CA ARG A 195 -5.81 -28.02 -18.02
C ARG A 195 -6.79 -29.20 -17.94
N TRP A 196 -7.99 -28.98 -17.41
CA TRP A 196 -8.95 -30.08 -17.28
C TRP A 196 -10.14 -29.96 -18.22
N GLN A 197 -10.44 -28.75 -18.70
CA GLN A 197 -11.41 -28.51 -19.76
C GLN A 197 -12.84 -28.75 -19.30
N LEU A 198 -12.98 -29.43 -18.17
CA LEU A 198 -14.29 -29.80 -17.68
C LEU A 198 -14.18 -30.30 -16.25
N PHE A 199 -14.98 -29.76 -15.34
CA PHE A 199 -15.02 -30.28 -13.98
C PHE A 199 -16.19 -31.24 -13.85
N THR A 200 -16.13 -32.05 -12.82
CA THR A 200 -17.26 -32.90 -12.52
C THR A 200 -18.25 -32.14 -11.67
N GLU A 201 -19.35 -32.78 -11.31
CA GLU A 201 -20.26 -32.10 -10.41
C GLU A 201 -19.74 -32.10 -8.99
N ASP A 202 -18.74 -32.93 -8.69
CA ASP A 202 -18.17 -33.00 -7.35
C ASP A 202 -16.99 -32.03 -7.21
N VAL A 203 -16.03 -32.06 -8.14
CA VAL A 203 -15.00 -31.02 -8.21
C VAL A 203 -15.66 -29.66 -8.08
N THR A 204 -16.68 -29.41 -8.90
CA THR A 204 -17.28 -28.10 -8.99
C THR A 204 -17.99 -27.72 -7.70
N ARG A 205 -18.75 -28.65 -7.14
CA ARG A 205 -19.39 -28.39 -5.87
C ARG A 205 -18.38 -27.88 -4.85
N PHE A 206 -17.18 -28.47 -4.82
CA PHE A 206 -16.17 -28.04 -3.87
C PHE A 206 -15.78 -26.59 -4.12
N TYR A 207 -15.10 -26.34 -5.23
CA TYR A 207 -14.74 -25.01 -5.67
C TYR A 207 -15.91 -24.00 -5.65
N MET A 208 -17.15 -24.42 -5.90
CA MET A 208 -18.17 -23.41 -5.75
C MET A 208 -18.34 -23.03 -4.30
N ALA A 209 -18.52 -24.04 -3.45
CA ALA A 209 -18.77 -23.81 -2.03
C ALA A 209 -17.69 -22.91 -1.45
N GLU A 210 -16.43 -23.14 -1.88
CA GLU A 210 -15.32 -22.27 -1.52
C GLU A 210 -15.59 -20.82 -1.92
N CYS A 211 -16.09 -20.61 -3.14
CA CYS A 211 -16.39 -19.25 -3.59
C CYS A 211 -17.49 -18.60 -2.81
N ILE A 212 -18.55 -19.34 -2.52
CA ILE A 212 -19.58 -18.80 -1.68
C ILE A 212 -18.98 -18.20 -0.43
N LEU A 213 -18.11 -18.97 0.22
CA LEU A 213 -17.64 -18.60 1.55
C LEU A 213 -16.68 -17.42 1.47
N ALA A 214 -15.87 -17.36 0.41
CA ALA A 214 -15.12 -16.15 0.13
C ALA A 214 -16.06 -14.99 -0.10
N ILE A 215 -16.99 -15.15 -1.04
CA ILE A 215 -17.88 -14.05 -1.40
C ILE A 215 -18.70 -13.63 -0.19
N GLU A 216 -19.32 -14.57 0.49
CA GLU A 216 -20.04 -14.25 1.72
C GLU A 216 -19.24 -13.28 2.59
N THR A 217 -17.98 -13.63 2.86
CA THR A 217 -17.14 -12.85 3.78
C THR A 217 -16.92 -11.42 3.29
N ILE A 218 -16.54 -11.27 2.02
CA ILE A 218 -16.42 -9.95 1.42
C ILE A 218 -17.69 -9.13 1.63
N HIS A 219 -18.84 -9.76 1.38
CA HIS A 219 -20.07 -9.00 1.56
C HIS A 219 -20.25 -8.60 3.01
N LYS A 220 -19.78 -9.45 3.94
CA LYS A 220 -20.05 -9.16 5.34
C LYS A 220 -19.26 -7.95 5.81
N LEU A 221 -18.14 -7.69 5.16
CA LEU A 221 -17.38 -6.47 5.37
C LEU A 221 -17.89 -5.32 4.55
N GLY A 222 -19.15 -5.38 4.11
CA GLY A 222 -19.78 -4.25 3.44
C GLY A 222 -19.21 -3.85 2.09
N PHE A 223 -18.80 -4.81 1.27
CA PHE A 223 -18.22 -4.55 -0.03
C PHE A 223 -18.90 -5.44 -1.06
N ILE A 224 -18.91 -4.99 -2.32
CA ILE A 224 -19.34 -5.83 -3.43
C ILE A 224 -18.15 -5.93 -4.39
N HIS A 225 -17.83 -7.15 -4.79
CA HIS A 225 -16.58 -7.38 -5.49
C HIS A 225 -16.71 -7.05 -6.94
N ARG A 226 -17.86 -7.38 -7.54
CA ARG A 226 -18.22 -6.98 -8.90
C ARG A 226 -17.11 -7.32 -9.89
N ALA A 227 -16.27 -8.29 -9.61
CA ALA A 227 -15.25 -8.68 -10.57
C ALA A 227 -14.92 -10.18 -10.44
N ILE A 228 -15.89 -10.99 -10.02
CA ILE A 228 -15.76 -12.44 -9.93
C ILE A 228 -15.61 -13.06 -11.31
N LYS A 229 -14.60 -13.90 -11.49
CA LYS A 229 -14.29 -14.49 -12.79
C LYS A 229 -13.18 -15.52 -12.59
N PRO A 230 -12.96 -16.39 -13.55
CA PRO A 230 -12.05 -17.52 -13.32
C PRO A 230 -10.66 -17.08 -12.96
N ASP A 231 -10.06 -16.26 -13.81
CA ASP A 231 -8.66 -15.88 -13.62
C ASP A 231 -8.46 -15.03 -12.37
N ASN A 232 -9.52 -14.42 -11.89
CA ASN A 232 -9.47 -13.66 -10.65
C ASN A 232 -9.55 -14.55 -9.43
N ILE A 233 -9.39 -15.86 -9.58
CA ILE A 233 -9.58 -16.82 -8.49
C ILE A 233 -8.35 -17.71 -8.38
N LEU A 234 -7.84 -17.86 -7.15
CA LEU A 234 -6.49 -18.36 -6.90
C LEU A 234 -6.44 -19.57 -5.95
N ILE A 235 -5.39 -20.37 -6.14
CA ILE A 235 -5.22 -21.66 -5.47
C ILE A 235 -3.96 -21.66 -4.61
N ASP A 236 -4.10 -22.11 -3.35
CA ASP A 236 -2.98 -22.14 -2.42
C ASP A 236 -2.30 -23.51 -2.45
N ILE A 237 -1.37 -23.74 -1.52
CA ILE A 237 -0.47 -24.89 -1.55
C ILE A 237 -1.24 -26.17 -1.43
N ARG A 238 -2.36 -26.12 -0.72
CA ARG A 238 -3.16 -27.28 -0.40
C ARG A 238 -4.39 -27.39 -1.31
N GLY A 239 -4.27 -26.87 -2.53
CA GLY A 239 -5.29 -26.96 -3.57
C GLY A 239 -6.58 -26.21 -3.28
N HIS A 240 -6.63 -25.47 -2.18
CA HIS A 240 -7.81 -24.71 -1.80
C HIS A 240 -7.86 -23.36 -2.53
N ILE A 241 -8.99 -22.66 -2.39
CA ILE A 241 -9.31 -21.48 -3.21
C ILE A 241 -9.33 -20.24 -2.33
N LYS A 242 -8.82 -19.14 -2.88
CA LYS A 242 -9.14 -17.85 -2.31
C LYS A 242 -9.15 -16.78 -3.39
N LEU A 243 -9.96 -15.76 -3.12
CA LEU A 243 -10.05 -14.53 -3.90
C LEU A 243 -8.74 -13.76 -3.81
N SER A 244 -8.64 -12.74 -4.65
CA SER A 244 -7.38 -12.06 -4.82
C SER A 244 -7.43 -10.57 -4.60
N ASP A 245 -8.60 -10.00 -4.27
CA ASP A 245 -8.89 -8.61 -4.53
C ASP A 245 -10.14 -8.25 -3.76
N PHE A 246 -10.69 -7.06 -4.04
CA PHE A 246 -12.07 -6.78 -3.66
C PHE A 246 -12.85 -5.95 -4.67
N GLY A 247 -12.31 -5.63 -5.84
CA GLY A 247 -13.10 -4.85 -6.80
C GLY A 247 -13.00 -3.36 -6.66
N LEU A 248 -12.02 -2.87 -5.90
CA LEU A 248 -11.55 -1.49 -5.91
C LEU A 248 -10.19 -1.45 -6.57
N SER A 249 -10.11 -0.72 -7.71
CA SER A 249 -8.92 -0.62 -8.57
C SER A 249 -8.46 -1.92 -9.23
N THR A 250 -9.30 -2.56 -10.06
CA THR A 250 -8.89 -3.68 -10.89
C THR A 250 -8.79 -3.32 -12.37
N GLY A 251 -9.53 -2.30 -12.84
CA GLY A 251 -9.85 -2.22 -14.24
C GLY A 251 -10.74 -1.07 -14.67
N PHE A 252 -11.79 -1.39 -15.42
CA PHE A 252 -12.45 -0.40 -16.29
C PHE A 252 -13.96 -0.49 -16.12
N HIS A 253 -14.68 0.01 -17.13
CA HIS A 253 -16.11 -0.14 -17.25
C HIS A 253 -16.44 -0.49 -18.71
N LYS A 254 -17.72 -0.73 -18.99
CA LYS A 254 -18.23 -1.19 -20.27
C LYS A 254 -18.94 -0.06 -21.02
N THR A 255 -18.78 -0.05 -22.34
CA THR A 255 -19.09 1.06 -23.24
C THR A 255 -20.59 1.37 -23.26
N HIS A 256 -21.33 0.56 -22.51
CA HIS A 256 -22.77 0.61 -22.33
C HIS A 256 -23.50 0.15 -23.60
N ASP A 257 -22.83 0.22 -24.77
CA ASP A 257 -23.14 -0.46 -26.04
C ASP A 257 -22.36 0.12 -27.23
N SER A 258 -22.57 -0.43 -28.43
CA SER A 258 -22.11 0.14 -29.71
C SER A 258 -22.93 -0.52 -30.83
N ASN A 259 -22.64 -0.12 -32.08
CA ASN A 259 -23.47 -0.55 -33.20
C ASN A 259 -22.67 -0.74 -34.47
N TYR A 260 -22.82 -1.91 -35.11
CA TYR A 260 -22.29 -2.15 -36.44
C TYR A 260 -23.40 -2.13 -37.50
N TYR A 261 -24.41 -2.99 -37.37
CA TYR A 261 -25.58 -2.97 -38.22
C TYR A 261 -25.25 -2.84 -39.73
N SER A 298 -22.18 -17.74 -48.27
CA SER A 298 -21.08 -17.99 -47.34
C SER A 298 -21.13 -19.42 -46.80
N ILE A 299 -20.04 -20.17 -46.99
CA ILE A 299 -20.01 -21.57 -46.58
C ILE A 299 -19.59 -21.67 -45.11
N SER A 300 -20.41 -22.36 -44.31
CA SER A 300 -20.11 -22.58 -42.89
C SER A 300 -18.99 -23.59 -42.74
N LEU A 301 -18.30 -23.52 -41.62
CA LEU A 301 -17.07 -24.26 -41.52
C LEU A 301 -16.83 -24.76 -40.11
N THR A 302 -17.85 -25.33 -39.48
CA THR A 302 -17.81 -25.44 -38.03
C THR A 302 -18.49 -26.72 -37.55
N MET A 303 -18.16 -27.10 -36.31
CA MET A 303 -18.74 -28.25 -35.63
C MET A 303 -19.29 -27.93 -34.24
N SER A 304 -19.11 -26.70 -33.75
CA SER A 304 -19.90 -25.95 -32.77
C SER A 304 -19.71 -26.24 -31.32
N ASN A 305 -19.12 -27.34 -30.92
CA ASN A 305 -18.47 -27.35 -29.62
C ASN A 305 -17.03 -26.93 -29.83
N ARG A 306 -16.44 -27.44 -30.92
CA ARG A 306 -15.18 -26.92 -31.44
C ARG A 306 -15.27 -25.42 -31.66
N GLN A 307 -16.46 -24.92 -32.00
CA GLN A 307 -16.57 -23.52 -32.34
C GLN A 307 -16.15 -22.61 -31.20
N GLN A 308 -16.40 -23.01 -29.97
CA GLN A 308 -15.95 -22.19 -28.85
C GLN A 308 -14.50 -22.48 -28.48
N ILE A 309 -14.12 -23.75 -28.36
CA ILE A 309 -12.74 -24.12 -28.08
C ILE A 309 -11.83 -23.45 -29.12
N GLN A 310 -12.43 -22.93 -30.19
CA GLN A 310 -11.74 -22.08 -31.15
C GLN A 310 -11.76 -20.60 -30.75
N THR A 311 -12.93 -20.06 -30.44
CA THR A 311 -13.02 -18.65 -30.07
C THR A 311 -12.38 -18.40 -28.73
N TRP A 312 -12.76 -19.20 -27.71
CA TRP A 312 -12.14 -19.11 -26.39
C TRP A 312 -10.61 -19.02 -26.52
N ARG A 313 -10.01 -19.93 -27.31
CA ARG A 313 -8.55 -19.95 -27.47
C ARG A 313 -8.01 -18.64 -28.01
N LYS A 314 -8.82 -17.89 -28.74
CA LYS A 314 -8.44 -16.54 -29.15
C LYS A 314 -8.66 -15.50 -28.06
N SER A 315 -9.46 -15.82 -27.03
CA SER A 315 -9.71 -14.92 -25.91
C SER A 315 -8.67 -15.05 -24.79
N ARG A 316 -7.66 -15.90 -24.97
CA ARG A 316 -6.53 -15.97 -24.07
C ARG A 316 -5.20 -15.76 -24.76
N ARG A 317 -5.02 -16.35 -25.96
CA ARG A 317 -3.78 -16.23 -26.69
C ARG A 317 -3.54 -14.82 -27.19
N LEU A 318 -4.59 -14.01 -27.30
CA LEU A 318 -4.46 -12.62 -27.69
C LEU A 318 -5.28 -11.68 -26.82
N MET A 319 -5.83 -12.18 -25.69
CA MET A 319 -6.65 -11.34 -24.83
C MET A 319 -6.36 -11.46 -23.34
N ALA A 320 -5.64 -12.49 -22.88
CA ALA A 320 -5.24 -12.54 -21.48
C ALA A 320 -4.40 -11.31 -21.13
N TYR A 321 -3.24 -11.18 -21.77
CA TYR A 321 -2.45 -9.96 -21.71
C TYR A 321 -3.11 -8.88 -22.57
N SER A 322 -2.99 -7.63 -22.12
CA SER A 322 -3.67 -6.48 -22.74
C SER A 322 -5.18 -6.71 -22.80
N THR A 323 -5.73 -7.18 -21.68
CA THR A 323 -7.12 -7.66 -21.62
C THR A 323 -8.10 -6.50 -21.80
N VAL A 324 -9.39 -6.81 -21.73
CA VAL A 324 -10.43 -5.78 -21.73
C VAL A 324 -11.27 -5.89 -20.46
N GLY A 325 -11.35 -7.10 -19.89
CA GLY A 325 -12.25 -7.34 -18.78
C GLY A 325 -13.58 -7.89 -19.25
N THR A 326 -13.53 -9.02 -19.99
CA THR A 326 -14.64 -9.62 -20.72
C THR A 326 -15.96 -9.61 -19.96
N PRO A 327 -17.05 -9.31 -20.66
CA PRO A 327 -18.33 -9.14 -19.99
C PRO A 327 -18.96 -10.43 -19.52
N ASP A 328 -18.40 -11.61 -19.86
CA ASP A 328 -18.97 -12.78 -19.22
C ASP A 328 -18.88 -12.55 -17.72
N TYR A 329 -19.71 -13.24 -16.98
CA TYR A 329 -19.72 -13.13 -15.53
C TYR A 329 -20.14 -11.74 -15.06
N ILE A 330 -20.38 -10.78 -15.96
CA ILE A 330 -20.95 -9.49 -15.57
C ILE A 330 -22.45 -9.68 -15.55
N ALA A 331 -23.05 -9.45 -14.40
CA ALA A 331 -24.51 -9.52 -14.28
C ALA A 331 -25.13 -8.46 -15.19
N PRO A 332 -26.45 -8.53 -15.41
CA PRO A 332 -27.06 -7.60 -16.37
C PRO A 332 -27.22 -6.17 -15.85
N GLU A 333 -27.72 -5.96 -14.62
CA GLU A 333 -28.10 -4.63 -14.18
C GLU A 333 -26.93 -3.67 -14.01
N ILE A 334 -25.74 -4.12 -14.38
CA ILE A 334 -24.55 -3.28 -14.35
C ILE A 334 -24.45 -2.48 -15.63
N PHE A 335 -24.67 -3.13 -16.77
CA PHE A 335 -24.71 -2.40 -18.02
C PHE A 335 -25.82 -1.36 -18.04
N LEU A 336 -26.83 -1.54 -17.21
CA LEU A 336 -27.79 -0.47 -17.02
C LEU A 336 -27.16 0.62 -16.18
N TYR A 337 -27.98 1.47 -15.58
CA TYR A 337 -27.45 2.53 -14.73
C TYR A 337 -26.79 1.90 -13.51
N GLN A 338 -26.29 2.75 -12.61
CA GLN A 338 -25.85 2.31 -11.29
C GLN A 338 -27.11 1.94 -10.51
N GLY A 339 -27.41 0.65 -10.43
CA GLY A 339 -28.60 0.29 -9.69
C GLY A 339 -28.47 -0.99 -8.92
N TYR A 340 -27.24 -1.39 -8.64
CA TYR A 340 -26.98 -2.76 -8.26
C TYR A 340 -26.67 -2.91 -6.77
N GLY A 341 -26.50 -4.16 -6.35
CA GLY A 341 -26.36 -4.49 -4.94
C GLY A 341 -25.56 -5.75 -4.69
N GLN A 342 -25.50 -6.20 -3.43
CA GLN A 342 -24.61 -7.31 -3.09
C GLN A 342 -24.86 -8.51 -3.98
N GLU A 343 -26.13 -8.74 -4.37
CA GLU A 343 -26.57 -9.80 -5.27
C GLU A 343 -25.75 -9.82 -6.55
N CYS A 344 -25.05 -8.72 -6.79
CA CYS A 344 -24.38 -8.57 -8.07
C CYS A 344 -23.44 -9.73 -8.35
N ASP A 345 -22.76 -10.25 -7.32
CA ASP A 345 -21.65 -11.18 -7.46
C ASP A 345 -22.09 -12.63 -7.59
N TRP A 346 -23.23 -13.00 -7.00
CA TRP A 346 -23.83 -14.32 -7.19
C TRP A 346 -24.12 -14.67 -8.66
N TRP A 347 -24.54 -13.72 -9.50
CA TRP A 347 -24.68 -14.01 -10.92
C TRP A 347 -23.39 -14.64 -11.45
N SER A 348 -22.31 -13.86 -11.47
CA SER A 348 -20.98 -14.35 -11.81
C SER A 348 -20.63 -15.72 -11.22
N LEU A 349 -21.09 -16.02 -10.01
CA LEU A 349 -20.87 -17.36 -9.51
C LEU A 349 -21.57 -18.39 -10.38
N GLY A 350 -22.87 -18.17 -10.61
CA GLY A 350 -23.63 -19.00 -11.55
C GLY A 350 -23.04 -19.00 -12.94
N ALA A 351 -22.63 -17.84 -13.41
CA ALA A 351 -21.88 -17.83 -14.66
C ALA A 351 -20.78 -18.84 -14.58
N ILE A 352 -19.94 -18.70 -13.54
CA ILE A 352 -18.76 -19.55 -13.43
C ILE A 352 -19.17 -21.01 -13.33
N MET A 353 -20.02 -21.32 -12.33
CA MET A 353 -20.51 -22.69 -12.18
C MET A 353 -20.91 -23.31 -13.52
N TYR A 354 -21.78 -22.62 -14.26
CA TYR A 354 -22.05 -23.06 -15.61
C TYR A 354 -20.77 -23.37 -16.36
N GLU A 355 -19.77 -22.49 -16.30
CA GLU A 355 -18.66 -22.64 -17.22
C GLU A 355 -17.92 -23.94 -16.98
N CYS A 356 -17.72 -24.28 -15.71
CA CYS A 356 -16.88 -25.44 -15.51
C CYS A 356 -17.66 -26.71 -15.72
N LEU A 357 -18.98 -26.64 -15.64
CA LEU A 357 -19.79 -27.83 -15.87
C LEU A 357 -20.01 -28.12 -17.36
N ILE A 358 -20.07 -27.09 -18.19
CA ILE A 358 -20.47 -27.23 -19.58
C ILE A 358 -19.28 -27.14 -20.51
N GLY A 359 -18.40 -26.17 -20.30
CA GLY A 359 -17.23 -26.02 -21.15
C GLY A 359 -16.99 -24.61 -21.65
N TRP A 360 -17.92 -23.73 -21.33
CA TRP A 360 -17.77 -22.31 -21.63
C TRP A 360 -18.73 -21.54 -20.76
N PRO A 361 -18.64 -20.23 -20.74
CA PRO A 361 -19.59 -19.49 -19.95
C PRO A 361 -20.91 -19.39 -20.69
N PRO A 362 -21.97 -19.06 -19.98
CA PRO A 362 -23.31 -19.05 -20.60
C PRO A 362 -23.44 -18.22 -21.86
N PHE A 363 -22.75 -17.09 -21.96
CA PHE A 363 -23.03 -16.16 -23.05
C PHE A 363 -21.83 -15.96 -23.95
N CYS A 364 -20.82 -16.81 -23.79
CA CYS A 364 -19.67 -16.84 -24.68
C CYS A 364 -20.06 -16.57 -26.14
N SER A 365 -19.37 -15.62 -26.77
CA SER A 365 -19.73 -15.23 -28.13
C SER A 365 -18.47 -14.93 -28.95
N GLU A 366 -18.66 -14.65 -30.25
CA GLU A 366 -17.50 -14.37 -31.09
C GLU A 366 -16.81 -13.09 -30.66
N THR A 367 -17.56 -12.19 -30.03
CA THR A 367 -17.15 -10.83 -29.74
C THR A 367 -17.86 -10.41 -28.47
N PRO A 368 -17.38 -9.41 -27.80
CA PRO A 368 -17.95 -9.08 -26.49
C PRO A 368 -19.27 -8.35 -26.60
N GLN A 369 -19.46 -7.56 -27.65
CA GLN A 369 -20.76 -6.91 -27.84
C GLN A 369 -21.86 -7.94 -27.96
N GLU A 370 -21.67 -8.94 -28.86
CA GLU A 370 -22.60 -10.05 -28.94
C GLU A 370 -22.95 -10.59 -27.56
N THR A 371 -21.91 -10.79 -26.72
CA THR A 371 -22.06 -11.21 -25.34
C THR A 371 -22.90 -10.22 -24.53
N TYR A 372 -22.74 -8.92 -24.77
CA TYR A 372 -23.64 -7.95 -24.16
C TYR A 372 -25.08 -8.26 -24.52
N ARG A 373 -25.32 -8.47 -25.81
CA ARG A 373 -26.67 -8.69 -26.32
C ARG A 373 -27.31 -9.89 -25.65
N LYS A 374 -26.57 -10.99 -25.54
CA LYS A 374 -27.10 -12.18 -24.91
C LYS A 374 -27.46 -11.91 -23.45
N ILE A 375 -26.54 -11.32 -22.68
CA ILE A 375 -26.85 -11.15 -21.26
C ILE A 375 -28.10 -10.33 -21.12
N MET A 376 -28.32 -9.40 -22.03
CA MET A 376 -29.42 -8.46 -21.87
C MET A 376 -30.74 -9.11 -22.20
N ASN A 377 -30.77 -9.95 -23.26
CA ASN A 377 -31.86 -10.89 -23.50
C ASN A 377 -31.49 -12.28 -22.98
N PHE A 378 -31.22 -12.38 -21.67
CA PHE A 378 -30.66 -13.64 -21.17
C PHE A 378 -31.70 -14.72 -21.04
N GLU A 379 -32.99 -14.33 -20.99
CA GLU A 379 -34.04 -15.28 -20.73
C GLU A 379 -34.26 -16.22 -21.90
N GLN A 380 -33.83 -15.83 -23.09
CA GLN A 380 -33.88 -16.71 -24.22
C GLN A 380 -32.51 -17.11 -24.71
N THR A 381 -31.43 -16.55 -24.14
CA THR A 381 -30.09 -16.91 -24.59
C THR A 381 -29.44 -18.02 -23.77
N LEU A 382 -29.92 -18.28 -22.56
CA LEU A 382 -29.41 -19.35 -21.72
C LEU A 382 -29.90 -20.69 -22.21
N GLN A 383 -29.00 -21.50 -22.76
CA GLN A 383 -29.35 -22.88 -23.06
C GLN A 383 -28.19 -23.80 -22.76
N PHE A 384 -28.51 -24.94 -22.17
CA PHE A 384 -27.60 -26.01 -21.80
C PHE A 384 -27.45 -26.99 -22.97
N PRO A 385 -26.23 -27.30 -23.40
CA PRO A 385 -26.03 -28.16 -24.56
C PRO A 385 -26.59 -29.56 -24.34
N ASP A 386 -26.41 -30.42 -25.35
CA ASP A 386 -26.80 -31.81 -25.24
C ASP A 386 -25.66 -32.73 -24.83
N ASP A 387 -24.75 -32.21 -24.00
CA ASP A 387 -23.72 -33.00 -23.34
C ASP A 387 -24.10 -33.03 -21.86
N ILE A 388 -24.52 -34.22 -21.40
CA ILE A 388 -25.60 -34.36 -20.41
C ILE A 388 -25.18 -33.95 -19.02
N HIS A 389 -24.34 -34.77 -18.40
CA HIS A 389 -23.42 -34.39 -17.36
C HIS A 389 -23.97 -33.45 -16.28
N ILE A 390 -25.27 -33.18 -16.27
CA ILE A 390 -25.81 -32.14 -15.38
C ILE A 390 -27.08 -32.66 -14.75
N SER A 391 -27.04 -32.83 -13.43
CA SER A 391 -28.17 -33.33 -12.68
C SER A 391 -29.32 -32.34 -12.73
N TYR A 392 -30.44 -32.75 -12.15
CA TYR A 392 -31.56 -31.84 -11.97
C TYR A 392 -31.38 -30.83 -10.85
N GLU A 393 -30.28 -30.88 -10.10
CA GLU A 393 -30.04 -29.87 -9.09
C GLU A 393 -28.92 -28.93 -9.47
N ALA A 394 -27.91 -29.46 -10.16
CA ALA A 394 -26.98 -28.61 -10.87
C ALA A 394 -27.73 -27.62 -11.74
N GLU A 395 -28.47 -28.11 -12.75
CA GLU A 395 -29.10 -27.21 -13.69
C GLU A 395 -30.01 -26.22 -12.98
N ASP A 396 -30.72 -26.66 -11.95
CA ASP A 396 -31.58 -25.72 -11.26
C ASP A 396 -30.78 -24.59 -10.64
N LEU A 397 -29.65 -24.91 -10.03
CA LEU A 397 -28.93 -23.88 -9.29
C LEU A 397 -28.46 -22.77 -10.23
N ILE A 398 -27.70 -23.14 -11.26
CA ILE A 398 -27.26 -22.17 -12.25
C ILE A 398 -28.42 -21.29 -12.68
N ARG A 399 -29.55 -21.91 -12.99
CA ARG A 399 -30.74 -21.16 -13.39
C ARG A 399 -31.19 -20.22 -12.31
N ARG A 400 -31.22 -20.65 -11.05
CA ARG A 400 -31.70 -19.69 -10.06
C ARG A 400 -30.62 -18.71 -9.63
N LEU A 401 -29.44 -18.83 -10.16
CA LEU A 401 -28.43 -17.82 -9.96
C LEU A 401 -28.30 -16.91 -11.14
N LEU A 402 -28.76 -17.33 -12.29
CA LEU A 402 -28.62 -16.59 -13.54
C LEU A 402 -29.93 -15.93 -13.98
N THR A 403 -30.65 -15.30 -13.06
CA THR A 403 -31.94 -14.65 -13.27
C THR A 403 -32.01 -13.16 -12.87
N HIS A 404 -33.19 -12.59 -12.75
CA HIS A 404 -33.28 -11.17 -12.47
C HIS A 404 -32.81 -10.88 -11.06
N ALA A 405 -32.15 -9.73 -10.90
CA ALA A 405 -31.52 -9.37 -9.64
C ALA A 405 -32.48 -9.46 -8.48
N ASP A 406 -33.54 -8.68 -8.48
CA ASP A 406 -34.42 -8.75 -7.31
C ASP A 406 -35.02 -10.13 -7.11
N GLN A 407 -34.86 -11.05 -8.06
CA GLN A 407 -35.41 -12.39 -7.96
C GLN A 407 -34.38 -13.47 -7.66
N ARG A 408 -33.10 -13.16 -7.89
CA ARG A 408 -31.99 -14.11 -7.86
C ARG A 408 -31.78 -14.77 -6.49
N LEU A 409 -31.28 -16.00 -6.55
CA LEU A 409 -30.88 -16.70 -5.35
C LEU A 409 -29.74 -15.96 -4.66
N GLY A 410 -29.88 -15.76 -3.35
CA GLY A 410 -28.87 -15.04 -2.63
C GLY A 410 -29.13 -13.57 -2.53
N ARG A 411 -30.26 -13.10 -3.04
CA ARG A 411 -30.67 -11.71 -2.92
C ARG A 411 -31.38 -11.47 -1.61
N HIS A 412 -32.39 -12.27 -1.31
CA HIS A 412 -33.21 -12.03 -0.15
C HIS A 412 -32.46 -12.54 1.06
N GLY A 413 -31.88 -11.63 1.82
CA GLY A 413 -31.13 -11.95 3.03
C GLY A 413 -30.26 -13.16 2.81
N GLY A 414 -29.74 -13.28 1.59
CA GLY A 414 -29.19 -14.53 1.15
C GLY A 414 -27.79 -14.79 1.60
N ALA A 415 -26.95 -15.17 0.65
CA ALA A 415 -25.54 -15.50 0.80
C ALA A 415 -25.31 -16.81 1.55
N ASP A 416 -26.28 -17.24 2.35
CA ASP A 416 -26.42 -18.62 2.79
C ASP A 416 -27.79 -19.18 2.47
N GLU A 417 -28.72 -18.36 1.98
CA GLU A 417 -29.83 -18.89 1.22
C GLU A 417 -29.33 -19.78 0.07
N ILE A 418 -28.12 -19.53 -0.42
CA ILE A 418 -27.51 -20.41 -1.42
C ILE A 418 -27.11 -21.76 -0.83
N LYS A 419 -26.52 -21.76 0.39
CA LYS A 419 -26.02 -22.99 1.01
C LYS A 419 -27.11 -24.03 1.20
N SER A 420 -28.36 -23.58 1.29
CA SER A 420 -29.52 -24.43 1.51
C SER A 420 -30.16 -24.88 0.19
N HIS A 421 -29.44 -24.86 -0.92
CA HIS A 421 -29.90 -25.45 -2.18
C HIS A 421 -29.56 -26.94 -2.17
N PRO A 422 -30.39 -27.82 -2.80
CA PRO A 422 -30.11 -29.25 -2.73
C PRO A 422 -29.07 -29.69 -3.74
N PHE A 423 -28.15 -28.81 -4.01
CA PHE A 423 -26.98 -29.18 -4.75
C PHE A 423 -25.84 -29.37 -3.79
N PHE A 424 -26.10 -29.20 -2.52
CA PHE A 424 -24.97 -29.41 -1.68
C PHE A 424 -25.27 -30.61 -0.80
N ARG A 425 -26.19 -30.43 0.13
CA ARG A 425 -26.10 -31.25 1.33
C ARG A 425 -24.66 -31.29 1.83
N GLY A 426 -23.95 -30.15 1.63
CA GLY A 426 -22.51 -30.02 1.63
C GLY A 426 -21.94 -30.43 2.96
N VAL A 427 -20.64 -30.20 3.10
CA VAL A 427 -19.96 -30.47 4.36
C VAL A 427 -20.55 -29.51 5.38
N ASP A 428 -20.16 -29.66 6.63
CA ASP A 428 -20.79 -28.84 7.65
C ASP A 428 -20.54 -27.36 7.35
N TRP A 429 -19.86 -27.07 6.23
CA TRP A 429 -19.43 -25.74 5.85
C TRP A 429 -18.41 -25.24 6.85
N ASN A 430 -18.09 -26.10 7.81
CA ASN A 430 -17.05 -25.86 8.77
C ASN A 430 -15.80 -26.60 8.36
N THR A 431 -15.93 -27.90 8.26
CA THR A 431 -14.75 -28.64 7.89
C THR A 431 -14.31 -28.37 6.46
N ILE A 432 -15.07 -27.60 5.68
CA ILE A 432 -14.76 -27.40 4.26
C ILE A 432 -13.32 -27.00 4.04
N ARG A 433 -12.74 -26.23 4.97
CA ARG A 433 -11.38 -25.80 4.72
C ARG A 433 -10.34 -26.88 5.00
N GLN A 434 -10.71 -27.94 5.70
CA GLN A 434 -9.75 -28.95 6.09
C GLN A 434 -9.71 -30.13 5.14
N VAL A 435 -10.34 -30.03 3.98
CA VAL A 435 -10.68 -31.22 3.20
C VAL A 435 -9.74 -31.36 2.01
N GLU A 436 -9.38 -32.59 1.72
CA GLU A 436 -8.67 -32.93 0.49
C GLU A 436 -9.30 -32.23 -0.70
N ALA A 437 -8.53 -31.39 -1.39
CA ALA A 437 -9.09 -30.66 -2.52
C ALA A 437 -8.84 -31.41 -3.83
N PRO A 438 -9.75 -31.27 -4.80
CA PRO A 438 -9.66 -32.10 -6.01
C PRO A 438 -8.28 -32.15 -6.62
N TYR A 439 -7.52 -31.06 -6.61
CA TYR A 439 -6.17 -31.13 -7.11
C TYR A 439 -5.25 -30.35 -6.18
N ILE A 440 -4.37 -31.07 -5.51
CA ILE A 440 -3.33 -30.41 -4.74
C ILE A 440 -2.18 -30.14 -5.70
N PRO A 441 -1.76 -28.88 -5.83
CA PRO A 441 -0.67 -28.57 -6.74
C PRO A 441 0.58 -29.34 -6.34
N LYS A 442 1.09 -30.12 -7.29
CA LYS A 442 2.33 -30.87 -7.11
C LYS A 442 3.51 -29.93 -7.35
N LEU A 443 4.07 -29.41 -6.28
CA LEU A 443 5.07 -28.34 -6.32
C LEU A 443 6.48 -28.86 -6.10
N SER A 444 7.43 -28.25 -6.82
CA SER A 444 8.81 -28.70 -6.81
C SER A 444 9.76 -27.77 -6.07
N SER A 445 9.31 -26.59 -5.65
CA SER A 445 10.15 -25.71 -4.89
C SER A 445 9.25 -24.65 -4.28
N ILE A 446 9.86 -23.58 -3.78
CA ILE A 446 9.08 -22.43 -3.33
C ILE A 446 8.99 -21.37 -4.41
N THR A 447 9.49 -21.65 -5.62
CA THR A 447 9.46 -20.70 -6.71
C THR A 447 8.95 -21.38 -7.97
N ASP A 448 7.91 -22.19 -7.80
CA ASP A 448 7.42 -23.05 -8.86
C ASP A 448 6.30 -22.34 -9.61
N THR A 449 6.66 -21.69 -10.71
CA THR A 449 5.71 -21.04 -11.60
C THR A 449 4.99 -22.01 -12.52
N ARG A 450 5.16 -23.33 -12.26
CA ARG A 450 4.61 -24.34 -13.14
C ARG A 450 3.15 -24.10 -13.44
N PHE A 451 2.41 -23.58 -12.49
CA PHE A 451 0.99 -23.38 -12.69
C PHE A 451 0.67 -22.04 -13.34
N PHE A 452 1.63 -21.46 -14.06
CA PHE A 452 1.29 -20.20 -14.68
C PHE A 452 1.65 -20.20 -16.15
N PRO A 453 0.83 -19.53 -16.96
CA PRO A 453 1.18 -19.36 -18.38
C PRO A 453 2.34 -18.40 -18.50
N THR A 454 3.51 -18.90 -18.17
CA THR A 454 4.77 -18.20 -18.15
C THR A 454 5.26 -17.88 -19.54
N ASP A 455 4.47 -18.06 -20.59
CA ASP A 455 4.77 -17.44 -21.86
C ASP A 455 4.55 -15.92 -21.79
N GLU A 456 5.26 -15.21 -22.66
CA GLU A 456 5.44 -13.77 -22.55
C GLU A 456 4.96 -13.07 -23.81
N LEU A 457 4.16 -12.01 -23.62
CA LEU A 457 3.66 -11.17 -24.72
C LEU A 457 4.24 -9.75 -24.64
N GLU A 458 4.06 -9.07 -23.50
CA GLU A 458 4.82 -7.87 -23.13
C GLU A 458 4.61 -6.73 -24.13
N ASN A 459 3.39 -6.18 -24.15
CA ASN A 459 3.06 -5.02 -24.97
C ASN A 459 2.19 -4.05 -24.16
N VAL A 460 2.80 -3.14 -23.44
CA VAL A 460 2.10 -2.20 -22.57
C VAL A 460 2.39 -0.78 -23.06
N PRO A 461 1.51 -0.20 -23.89
CA PRO A 461 1.83 1.08 -24.53
C PRO A 461 1.91 2.22 -23.53
N ASP A 462 2.84 2.10 -22.57
CA ASP A 462 3.15 3.16 -21.63
C ASP A 462 4.51 3.78 -21.90
N SER A 463 5.58 2.96 -21.88
CA SER A 463 6.90 3.22 -22.46
C SER A 463 7.37 4.66 -22.28
N PRO A 464 7.64 5.08 -21.04
CA PRO A 464 8.05 6.47 -20.80
C PRO A 464 9.51 6.78 -21.08
N ALA A 465 10.21 5.98 -21.90
CA ALA A 465 11.57 5.48 -21.67
C ALA A 465 12.56 6.42 -20.99
N MET A 466 13.60 5.85 -20.36
CA MET A 466 14.67 6.64 -19.70
C MET A 466 15.14 7.87 -20.53
N LEU A 489 15.42 2.55 -3.02
CA LEU A 489 15.66 3.48 -1.90
C LEU A 489 15.10 4.92 -2.03
N PRO A 490 14.56 5.36 -3.17
CA PRO A 490 13.69 6.53 -3.12
C PRO A 490 12.37 6.12 -2.45
N PHE A 491 11.63 7.12 -1.97
CA PHE A 491 10.30 6.86 -1.40
C PHE A 491 10.24 6.00 -0.15
N ILE A 492 10.39 6.62 1.02
CA ILE A 492 10.08 6.03 2.33
C ILE A 492 8.77 5.27 2.28
N GLY A 493 8.81 3.95 2.48
CA GLY A 493 7.64 3.13 2.26
C GLY A 493 6.56 3.32 3.28
N TYR A 494 6.90 3.82 4.47
CA TYR A 494 5.92 3.83 5.55
C TYR A 494 6.31 4.86 6.59
N THR A 495 5.37 5.72 6.91
CA THR A 495 5.20 6.21 8.26
C THR A 495 3.78 5.71 8.61
N TYR A 496 3.74 4.48 9.14
CA TYR A 496 2.54 3.74 9.47
C TYR A 496 2.08 4.06 10.90
N SER A 497 1.28 3.15 11.47
CA SER A 497 0.88 3.12 12.86
C SER A 497 1.43 1.85 13.51
N ARG A 498 1.60 1.92 14.84
CA ARG A 498 2.12 0.79 15.56
C ARG A 498 1.35 -0.47 15.24
N PHE A 499 0.02 -0.37 15.21
CA PHE A 499 -0.82 -1.55 15.12
C PHE A 499 -0.52 -2.35 13.88
N ASP A 500 -0.40 -1.66 12.74
CA ASP A 500 -0.04 -2.35 11.52
C ASP A 500 1.36 -2.89 11.59
N TYR A 501 2.20 -2.28 12.42
CA TYR A 501 3.54 -2.83 12.59
C TYR A 501 3.48 -4.22 13.18
N LEU A 502 2.71 -4.40 14.25
CA LEU A 502 2.56 -5.72 14.85
C LEU A 502 2.05 -6.73 13.83
N THR A 503 0.83 -6.52 13.31
CA THR A 503 0.25 -7.50 12.37
C THR A 503 1.22 -7.82 11.25
N ARG A 504 1.80 -6.81 10.62
CA ARG A 504 2.70 -7.16 9.53
C ARG A 504 3.96 -7.84 10.09
N LYS A 505 4.40 -7.52 11.32
CA LYS A 505 5.55 -8.24 11.84
C LYS A 505 5.16 -9.68 12.16
N ASN A 506 3.99 -9.88 12.76
CA ASN A 506 3.48 -11.21 13.09
C ASN A 506 3.31 -12.11 11.88
N ALA A 507 3.56 -11.59 10.68
CA ALA A 507 3.79 -12.51 9.58
C ALA A 507 5.11 -12.23 8.89
N LEU A 508 5.26 -11.01 8.38
CA LEU A 508 6.16 -10.65 7.27
C LEU A 508 6.92 -11.83 6.63
N MET B 51 18.17 39.28 11.36
CA MET B 51 17.44 40.54 11.34
C MET B 51 16.84 40.90 12.71
N PHE B 52 15.84 41.79 12.70
CA PHE B 52 15.10 42.15 13.91
C PHE B 52 13.99 41.12 14.07
N LEU B 53 14.36 39.95 14.57
CA LEU B 53 13.46 38.81 14.75
C LEU B 53 12.96 38.69 16.19
N SER B 54 12.64 39.81 16.82
CA SER B 54 12.06 39.81 18.17
C SER B 54 10.89 40.80 18.25
N GLU B 55 10.07 40.84 17.22
CA GLU B 55 8.91 41.74 17.12
C GLU B 55 7.82 41.24 18.05
N PRO B 56 6.63 41.91 18.09
CA PRO B 56 5.50 41.35 18.86
C PRO B 56 4.94 40.01 18.35
N PHE B 57 5.61 39.35 17.41
CA PHE B 57 5.12 38.10 16.83
C PHE B 57 5.49 36.84 17.62
N VAL B 58 6.22 36.97 18.73
CA VAL B 58 6.79 35.80 19.40
C VAL B 58 5.68 34.92 19.96
N ARG B 59 4.43 35.36 19.83
CA ARG B 59 3.34 34.42 20.00
C ARG B 59 3.53 33.33 18.94
N THR B 60 3.85 32.12 19.36
CA THR B 60 4.25 31.04 18.46
C THR B 60 3.20 29.94 18.50
N ALA B 61 2.17 30.07 17.65
CA ALA B 61 1.06 29.12 17.67
C ALA B 61 1.55 27.71 17.36
N LEU B 62 0.69 26.74 17.66
CA LEU B 62 1.05 25.34 17.51
C LEU B 62 2.15 24.93 18.51
N VAL B 63 2.09 25.50 19.71
CA VAL B 63 3.03 25.12 20.76
C VAL B 63 2.26 24.81 22.04
N LYS B 64 1.03 24.33 21.89
CA LYS B 64 0.09 24.29 23.02
C LYS B 64 0.54 23.37 24.15
N GLY B 65 1.76 22.81 24.06
CA GLY B 65 2.38 22.07 25.13
C GLY B 65 3.80 22.54 25.38
N SER B 66 4.62 21.61 25.89
CA SER B 66 5.98 21.98 26.28
C SER B 66 7.03 20.94 25.93
N PHE B 67 6.86 20.24 24.82
CA PHE B 67 7.95 19.51 24.17
C PHE B 67 8.56 18.41 25.04
N LYS B 68 8.27 18.39 26.34
CA LYS B 68 8.75 17.30 27.15
C LYS B 68 7.95 16.02 26.93
N THR B 69 6.95 16.08 26.04
CA THR B 69 6.12 14.92 25.75
C THR B 69 6.43 14.28 24.42
N ILE B 70 7.07 14.99 23.49
CA ILE B 70 7.46 14.40 22.22
C ILE B 70 8.96 14.42 22.00
N VAL B 71 9.73 14.97 22.93
CA VAL B 71 11.17 15.04 22.76
C VAL B 71 11.94 14.22 23.78
N GLN B 72 11.40 14.02 24.98
CA GLN B 72 12.04 13.12 25.91
C GLN B 72 12.10 11.71 25.31
N LEU B 73 13.26 11.06 25.48
CA LEU B 73 13.39 9.69 25.02
C LEU B 73 12.30 8.85 25.66
N PRO B 74 11.49 8.15 24.86
CA PRO B 74 10.47 7.27 25.44
C PRO B 74 11.13 6.15 26.23
N LYS B 75 10.39 5.63 27.21
CA LYS B 75 10.97 4.66 28.10
C LYS B 75 11.32 3.39 27.36
N TYR B 76 12.50 2.83 27.66
CA TYR B 76 12.97 1.58 27.08
C TYR B 76 13.09 1.67 25.56
N VAL B 77 13.79 2.67 25.07
CA VAL B 77 13.91 2.85 23.63
C VAL B 77 15.38 3.11 23.29
N ASP B 78 15.92 2.33 22.35
CA ASP B 78 17.28 2.54 21.88
C ASP B 78 17.48 3.99 21.52
N LEU B 79 18.44 4.62 22.18
CA LEU B 79 18.72 6.02 21.93
C LEU B 79 19.06 6.26 20.48
N GLY B 80 19.75 5.31 19.84
CA GLY B 80 20.04 5.45 18.43
C GLY B 80 18.80 5.59 17.59
N GLU B 81 17.87 4.64 17.70
CA GLU B 81 16.61 4.78 17.01
C GLU B 81 15.96 6.11 17.32
N TRP B 82 15.81 6.42 18.62
CA TRP B 82 15.14 7.64 19.01
C TRP B 82 15.79 8.86 18.42
N ILE B 83 17.08 8.79 18.10
CA ILE B 83 17.76 9.91 17.48
C ILE B 83 17.75 9.79 15.97
N ALA B 84 18.20 8.64 15.47
CA ALA B 84 18.36 8.50 14.03
C ALA B 84 17.05 8.71 13.30
N LEU B 85 15.93 8.55 13.99
CA LEU B 85 14.64 8.93 13.43
C LEU B 85 14.53 10.43 13.32
N ASN B 86 14.70 11.13 14.44
CA ASN B 86 14.50 12.58 14.45
C ASN B 86 15.47 13.28 13.51
N VAL B 87 16.70 12.78 13.45
CA VAL B 87 17.67 13.35 12.53
C VAL B 87 17.18 13.22 11.10
N PHE B 88 16.71 12.02 10.74
CA PHE B 88 15.97 11.84 9.48
C PHE B 88 14.83 12.83 9.43
N GLU B 89 13.98 12.83 10.47
CA GLU B 89 12.82 13.70 10.49
C GLU B 89 13.22 15.15 10.30
N PHE B 90 14.13 15.64 11.14
CA PHE B 90 14.51 17.05 11.13
C PHE B 90 15.00 17.49 9.77
N PHE B 91 15.97 16.77 9.22
CA PHE B 91 16.49 17.10 7.92
C PHE B 91 15.37 17.11 6.88
N THR B 92 14.53 16.08 6.88
CA THR B 92 13.52 15.95 5.84
C THR B 92 12.58 17.15 5.85
N ASN B 93 12.35 17.74 7.02
CA ASN B 93 11.50 18.90 7.07
C ASN B 93 12.28 20.18 6.81
N LEU B 94 13.47 20.31 7.40
CA LEU B 94 14.30 21.45 7.06
C LEU B 94 14.43 21.58 5.55
N ASN B 95 14.66 20.47 4.84
CA ASN B 95 14.89 20.55 3.41
C ASN B 95 13.64 20.92 2.61
N GLN B 96 12.45 20.86 3.22
CA GLN B 96 11.31 21.50 2.57
C GLN B 96 11.29 23.01 2.81
N PHE B 97 12.08 23.47 3.76
CA PHE B 97 12.10 24.90 4.02
C PHE B 97 12.99 25.62 3.03
N TYR B 98 14.27 25.25 2.93
CA TYR B 98 15.09 25.85 1.90
C TYR B 98 14.57 25.52 0.50
N GLY B 99 13.75 24.47 0.37
CA GLY B 99 13.18 24.12 -0.92
C GLY B 99 12.06 25.04 -1.37
N VAL B 100 11.39 25.72 -0.43
CA VAL B 100 10.48 26.79 -0.80
C VAL B 100 11.22 28.10 -1.00
N VAL B 101 12.54 28.12 -0.79
CA VAL B 101 13.35 29.33 -0.95
C VAL B 101 14.53 29.14 -1.91
N ALA B 102 14.91 27.91 -2.25
CA ALA B 102 16.06 27.69 -3.11
C ALA B 102 15.98 28.49 -4.40
N GLU B 103 14.76 28.85 -4.80
CA GLU B 103 14.55 29.58 -6.05
C GLU B 103 15.36 30.86 -6.10
N TYR B 104 15.50 31.55 -4.96
CA TYR B 104 16.00 32.91 -4.91
C TYR B 104 17.41 33.03 -4.33
N VAL B 105 18.06 31.90 -4.02
CA VAL B 105 19.37 31.94 -3.39
C VAL B 105 20.44 32.09 -4.46
N THR B 106 21.19 33.16 -4.38
CA THR B 106 22.14 33.60 -5.39
C THR B 106 23.31 34.22 -4.62
N PRO B 107 24.44 34.69 -5.27
CA PRO B 107 25.72 34.74 -4.54
C PRO B 107 25.69 35.29 -3.12
N ASP B 108 25.28 36.55 -2.94
CA ASP B 108 25.32 37.13 -1.62
C ASP B 108 23.91 37.23 -1.06
N ASN B 114 26.17 33.89 1.82
CA ASN B 114 27.25 33.13 2.44
C ASN B 114 26.89 32.67 3.87
N ALA B 115 26.79 33.59 4.82
CA ALA B 115 26.34 33.28 6.18
C ALA B 115 26.15 34.60 6.94
N GLY B 116 25.82 34.49 8.25
CA GLY B 116 25.48 35.64 9.06
C GLY B 116 26.70 36.40 9.56
N PRO B 117 26.45 37.46 10.34
CA PRO B 117 27.51 38.40 10.71
C PRO B 117 28.25 38.03 11.99
N HIS B 118 29.51 38.50 12.06
CA HIS B 118 30.45 38.29 13.16
C HIS B 118 31.01 36.87 13.14
N THR B 119 30.50 36.03 12.24
CA THR B 119 30.82 34.61 12.18
C THR B 119 30.15 34.01 10.94
N ASP B 120 30.94 33.45 10.05
CA ASP B 120 30.47 32.92 8.77
C ASP B 120 30.87 31.45 8.63
N TYR B 121 30.04 30.69 7.91
CA TYR B 121 30.30 29.28 7.64
C TYR B 121 30.97 29.19 6.28
N LEU B 122 32.29 29.28 6.29
CA LEU B 122 33.06 29.12 5.06
C LEU B 122 32.99 27.65 4.64
N TRP B 123 32.38 27.39 3.49
CA TRP B 123 32.64 26.14 2.81
C TRP B 123 34.02 26.15 2.16
N LEU B 124 34.57 27.35 1.94
CA LEU B 124 35.99 27.51 1.58
C LEU B 124 36.80 27.36 2.86
N ASP B 125 37.08 26.11 3.21
CA ASP B 125 37.89 25.83 4.40
C ASP B 125 38.90 24.70 4.19
N ALA B 126 38.73 23.82 3.20
CA ALA B 126 39.75 22.81 2.90
C ALA B 126 39.41 22.07 1.61
N ASN B 127 40.46 21.64 0.90
CA ASN B 127 40.30 20.93 -0.37
C ASN B 127 40.50 19.42 -0.22
N LEU B 133 32.12 29.70 0.51
CA LEU B 133 31.20 29.58 -0.61
C LEU B 133 30.03 30.53 -0.42
N PRO B 134 29.41 30.94 -1.54
CA PRO B 134 28.22 31.80 -1.44
C PRO B 134 27.03 31.10 -0.82
N ALA B 135 25.90 31.81 -0.77
CA ALA B 135 24.72 31.34 -0.05
C ALA B 135 24.18 30.04 -0.65
N SER B 136 23.73 30.10 -1.90
CA SER B 136 23.13 28.92 -2.51
C SER B 136 24.09 27.76 -2.63
N GLN B 137 25.40 28.04 -2.60
CA GLN B 137 26.40 27.02 -2.85
C GLN B 137 26.52 26.06 -1.68
N TYR B 138 26.97 26.54 -0.53
CA TYR B 138 27.25 25.63 0.58
C TYR B 138 25.97 25.19 1.28
N ILE B 139 24.81 25.63 0.81
CA ILE B 139 23.55 25.06 1.29
C ILE B 139 23.23 23.80 0.51
N ASP B 140 23.10 23.91 -0.81
CA ASP B 140 22.94 22.71 -1.62
C ASP B 140 24.09 21.75 -1.44
N LEU B 141 25.22 22.20 -0.88
CA LEU B 141 26.29 21.29 -0.50
C LEU B 141 25.98 20.60 0.83
N ALA B 142 25.92 21.37 1.92
CA ALA B 142 25.69 20.78 3.24
C ALA B 142 24.36 20.04 3.27
N LEU B 143 23.33 20.62 2.66
CA LEU B 143 22.05 19.92 2.57
C LEU B 143 22.22 18.54 1.95
N THR B 144 22.82 18.49 0.75
CA THR B 144 23.02 17.22 0.09
C THR B 144 23.93 16.32 0.92
N TRP B 145 24.87 16.92 1.67
CA TRP B 145 25.71 16.11 2.55
C TRP B 145 24.84 15.34 3.53
N ILE B 146 23.86 16.01 4.14
CA ILE B 146 23.02 15.36 5.14
C ILE B 146 22.31 14.16 4.52
N ASN B 147 21.59 14.39 3.42
CA ASN B 147 20.80 13.39 2.71
C ASN B 147 21.56 12.09 2.67
N ASN B 148 22.85 12.21 2.38
CA ASN B 148 23.63 11.02 2.13
C ASN B 148 24.13 10.39 3.43
N LYS B 149 24.55 11.21 4.40
CA LYS B 149 24.91 10.61 5.68
C LYS B 149 23.71 9.91 6.32
N VAL B 150 22.49 10.29 5.96
CA VAL B 150 21.29 9.76 6.61
C VAL B 150 20.74 8.55 5.86
N ASN B 151 20.85 8.56 4.53
CA ASN B 151 20.47 7.37 3.80
C ASN B 151 21.57 6.32 3.79
N ASP B 152 22.70 6.61 4.45
CA ASP B 152 23.77 5.63 4.59
C ASP B 152 23.33 4.52 5.52
N LYS B 153 23.17 3.32 4.98
CA LYS B 153 22.82 2.19 5.82
C LYS B 153 23.94 1.78 6.74
N ASN B 154 25.08 2.47 6.82
CA ASN B 154 26.11 2.20 7.81
C ASN B 154 25.86 2.97 9.10
N LEU B 155 25.80 4.30 9.00
CA LEU B 155 25.43 5.11 10.16
C LEU B 155 23.95 4.94 10.49
N PHE B 156 23.10 4.87 9.47
CA PHE B 156 21.66 4.78 9.63
C PHE B 156 21.14 3.50 9.00
N PRO B 157 21.42 2.36 9.62
CA PRO B 157 21.05 1.07 9.03
C PRO B 157 19.54 0.84 9.11
N THR B 158 18.88 0.77 7.95
CA THR B 158 17.47 0.42 7.99
C THR B 158 17.27 -1.05 8.28
N LYS B 159 18.30 -1.88 8.13
CA LYS B 159 18.14 -3.31 8.38
C LYS B 159 17.85 -3.56 9.86
N ASN B 160 17.23 -4.71 10.13
CA ASN B 160 16.56 -4.92 11.41
C ASN B 160 17.49 -4.82 12.60
N GLY B 161 18.43 -5.73 12.69
CA GLY B 161 19.24 -5.81 13.89
C GLY B 161 20.67 -5.38 13.70
N LEU B 162 20.92 -4.35 12.92
CA LEU B 162 22.30 -3.87 12.84
C LEU B 162 22.55 -2.89 13.99
N PRO B 163 23.67 -3.01 14.69
CA PRO B 163 23.96 -2.07 15.76
C PRO B 163 24.54 -0.77 15.23
N PHE B 164 24.34 0.29 16.01
CA PHE B 164 24.77 1.60 15.54
C PHE B 164 26.28 1.69 15.62
N PRO B 165 26.93 2.34 14.65
CA PRO B 165 28.40 2.37 14.63
C PRO B 165 28.97 3.08 15.84
N GLN B 166 30.30 2.99 15.98
CA GLN B 166 31.00 3.88 16.88
C GLN B 166 31.03 5.30 16.33
N GLN B 167 31.14 5.43 15.01
CA GLN B 167 31.04 6.74 14.37
C GLN B 167 29.68 7.38 14.63
N PHE B 168 28.68 6.59 15.02
CA PHE B 168 27.29 7.03 14.95
C PHE B 168 27.08 8.32 15.71
N SER B 169 27.32 8.31 17.02
CA SER B 169 27.05 9.52 17.80
C SER B 169 27.90 10.69 17.31
N ARG B 170 29.09 10.41 16.77
CA ARG B 170 29.92 11.49 16.22
C ARG B 170 29.23 12.12 15.01
N ASP B 171 28.95 11.31 13.98
CA ASP B 171 28.22 11.82 12.81
C ASP B 171 26.90 12.47 13.20
N VAL B 172 26.30 12.07 14.32
CA VAL B 172 25.08 12.73 14.80
C VAL B 172 25.33 14.21 15.00
N GLN B 173 26.36 14.57 15.77
CA GLN B 173 26.70 15.97 15.95
C GLN B 173 26.99 16.63 14.62
N ARG B 174 27.79 15.99 13.78
CA ARG B 174 28.13 16.53 12.46
C ARG B 174 26.87 16.88 11.68
N ILE B 175 26.00 15.89 11.47
CA ILE B 175 24.75 16.14 10.75
C ILE B 175 23.93 17.20 11.48
N MET B 176 23.95 17.19 12.81
CA MET B 176 23.20 18.18 13.56
C MET B 176 23.69 19.58 13.28
N VAL B 177 25.00 19.78 13.36
CA VAL B 177 25.52 21.13 13.29
C VAL B 177 25.31 21.72 11.90
N GLN B 178 25.62 20.94 10.85
CA GLN B 178 25.47 21.46 9.50
C GLN B 178 24.02 21.81 9.22
N MET B 179 23.08 21.11 9.87
CA MET B 179 21.69 21.53 9.81
C MET B 179 21.52 22.92 10.39
N PHE B 180 22.07 23.14 11.59
CA PHE B 180 22.01 24.48 12.18
C PHE B 180 22.71 25.50 11.29
N ARG B 181 23.80 25.10 10.65
CA ARG B 181 24.42 25.96 9.65
C ARG B 181 23.39 26.40 8.62
N ILE B 182 22.56 25.48 8.16
CA ILE B 182 21.50 25.84 7.22
C ILE B 182 20.25 26.32 7.95
N PHE B 183 20.07 25.89 9.20
CA PHE B 183 19.05 26.53 10.04
C PHE B 183 19.33 28.01 10.18
N ALA B 184 20.55 28.35 10.60
CA ALA B 184 20.85 29.75 10.87
C ALA B 184 20.92 30.57 9.58
N HIS B 185 21.53 30.01 8.53
CA HIS B 185 21.59 30.69 7.23
C HIS B 185 20.21 31.17 6.81
N ILE B 186 19.17 30.48 7.26
CA ILE B 186 17.81 30.90 6.98
C ILE B 186 17.36 32.01 7.93
N TYR B 187 17.88 32.03 9.16
CA TYR B 187 17.33 32.94 10.17
C TYR B 187 17.91 34.35 10.11
N HIS B 188 19.04 34.55 9.43
CA HIS B 188 19.65 35.87 9.29
C HIS B 188 19.53 36.43 7.88
N HIS B 189 19.85 35.62 6.86
CA HIS B 189 19.81 36.08 5.48
C HIS B 189 18.37 36.15 4.96
N HIS B 190 17.70 34.99 4.89
CA HIS B 190 16.43 34.88 4.19
C HIS B 190 15.22 34.88 5.13
N PHE B 191 15.40 35.17 6.42
CA PHE B 191 14.30 35.13 7.37
C PHE B 191 13.27 36.24 7.17
N ASP B 192 13.53 37.21 6.29
CA ASP B 192 12.64 38.36 6.18
C ASP B 192 11.27 37.95 5.61
N LYS B 193 11.26 37.48 4.37
CA LYS B 193 9.98 37.32 3.72
C LYS B 193 9.11 36.25 4.36
N ILE B 194 9.51 35.65 5.49
CA ILE B 194 8.75 34.54 6.06
C ILE B 194 7.33 34.97 6.39
N VAL B 195 7.19 36.18 6.95
CA VAL B 195 5.95 36.64 7.55
C VAL B 195 4.90 36.93 6.48
N HIS B 196 5.29 36.75 5.21
CA HIS B 196 4.39 37.04 4.10
C HIS B 196 3.16 36.13 4.13
N LEU B 197 3.36 34.81 4.16
CA LEU B 197 2.28 33.88 3.88
C LEU B 197 1.80 33.14 5.12
N SER B 198 1.94 33.74 6.30
CA SER B 198 1.41 33.21 7.55
C SER B 198 1.99 31.82 7.86
N LEU B 199 3.32 31.81 8.05
CA LEU B 199 4.05 30.59 8.40
C LEU B 199 5.00 30.81 9.56
N GLU B 200 4.74 31.83 10.38
CA GLU B 200 5.60 32.09 11.54
C GLU B 200 5.31 31.11 12.67
N ALA B 201 4.03 30.91 12.99
CA ALA B 201 3.65 29.87 13.95
C ALA B 201 4.30 28.53 13.60
N HIS B 202 4.49 28.27 12.31
CA HIS B 202 5.14 27.05 11.87
C HIS B 202 6.63 27.08 12.21
N TRP B 203 7.37 27.98 11.57
CA TRP B 203 8.82 27.98 11.74
C TRP B 203 9.21 28.29 13.17
N ASN B 204 8.38 29.06 13.88
CA ASN B 204 8.62 29.30 15.30
C ASN B 204 8.64 27.98 16.07
N SER B 205 7.53 27.26 16.00
CA SER B 205 7.48 25.96 16.67
C SER B 205 8.59 25.05 16.18
N PHE B 206 8.78 24.97 14.86
CA PHE B 206 9.76 24.01 14.31
C PHE B 206 11.17 24.31 14.80
N PHE B 207 11.54 25.58 14.83
CA PHE B 207 12.80 25.92 15.46
C PHE B 207 12.77 25.56 16.94
N SER B 208 11.68 25.93 17.63
CA SER B 208 11.45 25.54 19.01
C SER B 208 11.52 24.03 19.23
N HIS B 209 11.54 23.26 18.15
CA HIS B 209 11.73 21.83 18.25
C HIS B 209 13.17 21.41 18.01
N PHE B 210 13.81 21.96 16.96
CA PHE B 210 15.17 21.54 16.59
C PHE B 210 16.14 21.71 17.75
N ILE B 211 16.06 22.85 18.44
CA ILE B 211 16.93 23.05 19.58
C ILE B 211 16.60 22.05 20.68
N SER B 212 15.31 21.97 21.05
CA SER B 212 14.90 21.19 22.21
C SER B 212 15.51 19.81 22.18
N PHE B 213 15.38 19.13 21.05
CA PHE B 213 15.99 17.82 20.89
C PHE B 213 17.50 17.91 21.06
N ALA B 214 18.13 18.87 20.36
CA ALA B 214 19.57 18.99 20.41
C ALA B 214 20.06 19.33 21.81
N LYS B 215 19.24 19.99 22.62
CA LYS B 215 19.65 20.25 23.99
C LYS B 215 19.41 19.04 24.87
N GLU B 216 18.26 18.36 24.73
CA GLU B 216 17.96 17.23 25.60
C GLU B 216 19.07 16.19 25.55
N PHE B 217 19.61 15.94 24.36
CA PHE B 217 20.63 14.92 24.16
C PHE B 217 21.99 15.52 23.81
N LYS B 218 22.12 16.85 23.81
CA LYS B 218 23.41 17.54 23.90
C LYS B 218 24.36 17.18 22.76
N ILE B 219 23.81 17.14 21.54
CA ILE B 219 24.65 16.87 20.38
C ILE B 219 25.17 18.15 19.76
N ILE B 220 24.95 19.29 20.40
CA ILE B 220 25.53 20.56 19.99
C ILE B 220 25.94 21.29 21.27
N ASP B 221 27.04 22.04 21.20
CA ASP B 221 27.60 22.71 22.37
C ASP B 221 27.14 24.17 22.45
N ARG B 222 27.34 24.75 23.63
CA ARG B 222 26.75 26.06 23.95
C ARG B 222 27.32 27.17 23.06
N LYS B 223 28.63 27.14 22.79
CA LYS B 223 29.29 28.24 22.10
C LYS B 223 28.82 28.40 20.64
N GLU B 224 28.43 27.29 19.99
CA GLU B 224 27.99 27.33 18.60
C GLU B 224 26.64 28.01 18.40
N MET B 225 25.98 28.39 19.48
CA MET B 225 24.68 29.05 19.41
C MET B 225 24.76 30.55 19.49
N ALA B 226 25.96 31.13 19.61
CA ALA B 226 26.10 32.58 19.55
C ALA B 226 25.38 33.21 18.37
N PRO B 227 25.34 32.63 17.16
CA PRO B 227 24.56 33.26 16.08
C PRO B 227 23.09 33.46 16.41
N LEU B 228 22.55 32.65 17.33
CA LEU B 228 21.15 32.76 17.71
C LEU B 228 20.97 32.72 19.22
N LEU B 229 22.05 32.82 19.98
CA LEU B 229 21.94 32.79 21.43
C LEU B 229 20.93 33.79 21.98
N PRO B 230 20.83 35.02 21.46
CA PRO B 230 19.72 35.88 21.90
C PRO B 230 18.35 35.37 21.50
N LEU B 231 18.20 34.72 20.33
CA LEU B 231 16.86 34.27 19.94
C LEU B 231 16.43 33.01 20.67
N ILE B 232 17.39 32.18 21.09
CA ILE B 232 17.07 31.01 21.92
C ILE B 232 16.33 31.44 23.18
N GLU B 233 16.88 32.45 23.88
CA GLU B 233 16.30 32.92 25.13
C GLU B 233 14.95 33.61 24.90
N SER B 234 14.72 34.17 23.71
CA SER B 234 13.41 34.71 23.39
C SER B 234 12.34 33.62 23.41
N PHE B 235 12.70 32.41 22.99
CA PHE B 235 11.76 31.32 22.92
C PHE B 235 11.84 30.40 24.13
N GLU B 236 12.50 30.84 25.19
CA GLU B 236 12.49 30.06 26.42
C GLU B 236 11.23 30.40 27.21
N LYS B 237 10.08 30.25 26.54
CA LYS B 237 8.78 30.03 27.14
C LYS B 237 8.15 28.73 26.67
N GLN B 238 8.73 28.07 25.66
CA GLN B 238 8.45 26.69 25.27
C GLN B 238 9.75 25.97 24.95
N GLY B 239 10.77 26.17 25.81
CA GLY B 239 12.14 25.79 25.48
C GLY B 239 12.82 24.68 26.28
N LYS B 240 12.16 24.10 27.29
CA LYS B 240 12.59 22.88 28.00
C LYS B 240 13.97 23.04 28.64
N ILE B 241 14.04 23.93 29.62
CA ILE B 241 15.30 24.19 30.33
C ILE B 241 15.76 22.96 31.12
N ASP C 6 -12.98 -40.32 -9.31
CA ASP C 6 -11.98 -40.10 -8.26
C ASP C 6 -12.53 -39.25 -7.10
N PHE C 7 -12.17 -37.95 -7.07
CA PHE C 7 -12.62 -37.03 -6.01
C PHE C 7 -14.13 -37.16 -5.77
N LYS C 8 -14.56 -36.89 -4.54
CA LYS C 8 -15.96 -37.02 -4.12
C LYS C 8 -16.20 -36.06 -2.97
N PHE C 9 -17.12 -35.11 -3.14
CA PHE C 9 -17.41 -34.10 -2.13
C PHE C 9 -18.93 -34.00 -1.95
N PRO C 10 -19.47 -34.58 -0.89
CA PRO C 10 -20.91 -34.82 -0.84
C PRO C 10 -21.66 -33.58 -0.41
PG ANP D . -7.86 -9.16 -14.40
O1G ANP D . -7.83 -10.42 -13.58
O2G ANP D . -6.71 -9.24 -15.49
O3G ANP D . -9.28 -8.85 -15.05
PB ANP D . -6.06 -7.38 -13.98
O1B ANP D . -5.66 -6.24 -13.12
O2B ANP D . -6.11 -6.97 -15.49
N3B ANP D . -7.56 -7.84 -13.43
PA ANP D . -4.97 -9.40 -12.37
O1A ANP D . -6.37 -9.82 -11.88
O2A ANP D . -4.16 -8.66 -11.39
O3A ANP D . -5.12 -8.63 -13.80
O5' ANP D . -4.11 -10.69 -12.64
C5' ANP D . -4.60 -11.96 -12.19
C4' ANP D . -3.70 -13.03 -12.73
O4' ANP D . -2.33 -12.73 -12.37
C3' ANP D . -3.99 -14.44 -12.21
O3' ANP D . -4.78 -15.19 -13.13
C2' ANP D . -2.59 -15.04 -12.02
O2' ANP D . -2.10 -15.69 -13.20
C1' ANP D . -1.79 -13.79 -11.63
N9 ANP D . -1.85 -13.43 -10.18
C8 ANP D . -2.50 -12.35 -9.66
N7 ANP D . -2.37 -12.26 -8.34
C5 ANP D . -1.62 -13.37 -8.00
C6 ANP D . -1.16 -13.85 -6.76
N6 ANP D . -1.41 -13.26 -5.60
N1 ANP D . -0.41 -14.98 -6.77
C2 ANP D . -0.15 -15.57 -7.94
N3 ANP D . -0.53 -15.22 -9.16
C4 ANP D . -1.27 -14.10 -9.14
#